data_6GK8
#
_entry.id   6GK8
#
_cell.length_a   50.313
_cell.length_b   63.601
_cell.length_c   141.895
_cell.angle_alpha   90.00
_cell.angle_beta   90.00
_cell.angle_gamma   90.00
#
_symmetry.space_group_name_H-M   'P 21 21 21'
#
loop_
_entity.id
_entity.type
_entity.pdbx_description
1 polymer 'HUMAN FAB ANTIBODY FRAGMENT OF CBTAU-28.1(S32R;E35K)'
2 polymer 'HUMAN FAB ANTIBODY FRAGMENT OF CBTAU-28.1(S32R;E35K)'
3 polymer 'TAU PEPTIDE A7731 (RESIDUES 52-71)'
4 non-polymer 'CHLORIDE ION'
5 water water
#
loop_
_entity_poly.entity_id
_entity_poly.type
_entity_poly.pdbx_seq_one_letter_code
_entity_poly.pdbx_strand_id
1 'polypeptide(L)'
;QVQLQQSGAEVKKPGESLKISCEASGYSFTNYWIGWVRQMPGKGLEWMGIIYPGDSDTRYSPPFQGQVTITADRSITTAY
LEWSSLKASDTAMYYCARVGRPSKGGWFDPWGQGTLVTVSSASTKGPSVFPLAPSSKSTSGGTAALGCLVKDYFPEPVTV
SWNSGALTSGVHTFPAVLQSSGLYSLSSVVTVPSSSLGTQTYICNVNHKPSNTKVDKRVEPKSC
;
H
2 'polypeptide(L)'
;DIQMTQSPDSLAVSLGERATINCESSQTLLYRSNKKNYLAWYQQKPGQPPKLLISWASTPESGVPDRFSGSGSGTSFTLT
ISSLQAEDVAVYYCQQYYNSPYTFGQGTRLEIKRTVAAPSVFIFPPSDEQLKSGTASVVCLLNNFYPREAKVQWKVDNAL
QSGNSQESVTEQDSKDSTYSLSSTLTLSKADYEKHKVYACEVTHQGLSSPVTKSFNRGEC
;
L
3 'polypeptide(L)' TEDGSEEPGSETSDAKSTPT I
#
# COMPACT_ATOMS: atom_id res chain seq x y z
N GLN A 1 4.81 28.80 -8.68
CA GLN A 1 4.67 27.64 -7.80
C GLN A 1 5.78 26.63 -7.91
N VAL A 2 6.09 25.96 -6.81
CA VAL A 2 7.16 24.94 -6.75
C VAL A 2 6.57 23.62 -7.22
N GLN A 3 7.23 23.01 -8.22
CA GLN A 3 6.85 21.68 -8.75
C GLN A 3 8.07 20.78 -8.88
N LEU A 4 7.84 19.47 -8.68
CA LEU A 4 8.88 18.43 -8.78
C LEU A 4 8.36 17.29 -9.65
N GLN A 5 8.43 17.50 -10.97
CA GLN A 5 7.95 16.53 -11.96
C GLN A 5 8.98 15.39 -12.09
N GLN A 6 8.53 14.16 -11.88
CA GLN A 6 9.35 12.95 -12.01
C GLN A 6 9.07 12.21 -13.32
N SER A 7 9.97 11.28 -13.65
CA SER A 7 9.84 10.43 -14.85
C SER A 7 8.75 9.37 -14.68
N GLY A 8 8.39 8.73 -15.79
CA GLY A 8 7.35 7.70 -15.80
C GLY A 8 7.72 6.41 -15.09
N ALA A 9 6.71 5.58 -14.83
CA ALA A 9 6.87 4.31 -14.12
C ALA A 9 7.65 3.30 -14.96
N GLU A 10 8.65 2.67 -14.34
CA GLU A 10 9.60 1.78 -15.03
C GLU A 10 9.32 0.32 -14.71
N VAL A 11 9.54 -0.55 -15.71
CA VAL A 11 9.48 -2.01 -15.56
C VAL A 11 10.79 -2.57 -16.13
N LYS A 12 11.62 -3.14 -15.26
CA LYS A 12 12.97 -3.61 -15.59
C LYS A 12 13.16 -5.07 -15.14
N LYS A 13 14.35 -5.62 -15.42
CA LYS A 13 14.76 -6.97 -14.97
C LYS A 13 16.02 -6.87 -14.06
N PRO A 14 16.29 -7.90 -13.22
CA PRO A 14 17.52 -7.90 -12.41
C PRO A 14 18.80 -7.90 -13.25
N GLY A 15 19.77 -7.05 -12.87
CA GLY A 15 21.01 -6.83 -13.64
C GLY A 15 21.03 -5.58 -14.51
N GLU A 16 19.86 -5.09 -14.95
CA GLU A 16 19.76 -3.89 -15.79
C GLU A 16 19.99 -2.63 -14.97
N SER A 17 20.60 -1.62 -15.61
CA SER A 17 20.81 -0.29 -15.02
C SER A 17 19.57 0.58 -15.24
N LEU A 18 19.36 1.54 -14.33
CA LEU A 18 18.26 2.52 -14.41
C LEU A 18 18.66 3.87 -13.81
N LYS A 19 18.07 4.94 -14.34
CA LYS A 19 18.32 6.31 -13.90
C LYS A 19 17.02 7.14 -13.93
N ILE A 20 16.28 7.11 -12.80
CA ILE A 20 15.06 7.92 -12.62
C ILE A 20 15.42 9.38 -12.32
N SER A 21 14.65 10.32 -12.87
CA SER A 21 14.92 11.77 -12.79
C SER A 21 13.84 12.52 -12.00
N CYS A 22 14.13 13.79 -11.70
CA CYS A 22 13.21 14.69 -11.00
C CYS A 22 13.46 16.16 -11.42
N GLU A 23 12.71 16.61 -12.42
CA GLU A 23 12.84 17.96 -12.96
C GLU A 23 12.21 19.00 -12.01
N ALA A 24 13.07 19.79 -11.35
CA ALA A 24 12.65 20.82 -10.39
C ALA A 24 12.41 22.17 -11.06
N SER A 25 11.52 22.97 -10.46
CA SER A 25 11.18 24.31 -10.97
C SER A 25 10.49 25.18 -9.91
N GLY A 26 10.43 26.49 -10.19
CA GLY A 26 9.86 27.48 -9.28
C GLY A 26 10.69 27.87 -8.05
N TYR A 27 11.99 27.56 -8.06
CA TYR A 27 12.93 27.99 -7.01
C TYR A 27 14.39 27.93 -7.50
N SER A 28 15.31 28.49 -6.71
CA SER A 28 16.75 28.45 -7.02
C SER A 28 17.32 27.05 -6.71
N PHE A 29 17.55 26.27 -7.78
CA PHE A 29 17.93 24.84 -7.69
C PHE A 29 19.20 24.56 -6.87
N THR A 30 20.20 25.43 -7.01
CA THR A 30 21.47 25.31 -6.26
C THR A 30 21.34 25.53 -4.75
N ASN A 31 20.51 26.47 -4.34
CA ASN A 31 20.43 26.91 -2.94
C ASN A 31 19.74 25.96 -1.94
N TYR A 32 18.99 24.95 -2.43
CA TYR A 32 18.31 23.94 -1.58
C TYR A 32 18.92 22.54 -1.73
N TRP A 33 18.94 21.78 -0.62
CA TRP A 33 19.15 20.32 -0.67
C TRP A 33 17.90 19.66 -1.28
N ILE A 34 18.12 18.65 -2.14
CA ILE A 34 17.03 17.86 -2.76
C ILE A 34 17.38 16.37 -2.61
N GLY A 35 16.37 15.54 -2.40
CA GLY A 35 16.56 14.12 -2.03
C GLY A 35 15.52 13.14 -2.50
N TRP A 36 15.76 11.88 -2.13
CA TRP A 36 14.96 10.72 -2.56
C TRP A 36 14.48 9.90 -1.37
N VAL A 37 13.27 9.35 -1.49
CA VAL A 37 12.62 8.55 -0.43
C VAL A 37 12.04 7.29 -1.07
N ARG A 38 12.41 6.13 -0.54
CA ARG A 38 11.86 4.83 -0.98
C ARG A 38 10.62 4.48 -0.15
N GLN A 39 9.64 3.87 -0.81
CA GLN A 39 8.50 3.23 -0.14
C GLN A 39 8.15 1.93 -0.87
N MET A 40 8.51 0.80 -0.25
CA MET A 40 8.23 -0.54 -0.80
C MET A 40 6.72 -0.88 -0.62
N PRO A 41 6.19 -1.89 -1.37
CA PRO A 41 4.76 -2.24 -1.30
C PRO A 41 4.20 -2.57 0.11
N GLY A 42 3.32 -1.70 0.60
CA GLY A 42 2.72 -1.81 1.94
C GLY A 42 3.70 -1.60 3.09
N LYS A 43 4.61 -0.63 2.92
CA LYS A 43 5.69 -0.34 3.89
C LYS A 43 5.83 1.18 4.11
N GLY A 44 6.65 1.54 5.11
CA GLY A 44 6.91 2.93 5.47
C GLY A 44 7.91 3.64 4.57
N LEU A 45 8.13 4.92 4.87
CA LEU A 45 9.08 5.77 4.14
C LEU A 45 10.50 5.54 4.65
N GLU A 46 11.44 5.45 3.72
CA GLU A 46 12.87 5.24 4.02
C GLU A 46 13.68 6.38 3.40
N TRP A 47 14.42 7.11 4.24
CA TRP A 47 15.25 8.23 3.81
C TRP A 47 16.50 7.68 3.12
N MET A 48 16.57 7.82 1.79
CA MET A 48 17.68 7.29 0.98
C MET A 48 18.88 8.23 1.07
N GLY A 49 18.66 9.48 0.68
CA GLY A 49 19.74 10.47 0.62
C GLY A 49 19.34 11.79 0.00
N ILE A 50 20.22 12.79 0.15
CA ILE A 50 20.05 14.14 -0.41
C ILE A 50 21.31 14.58 -1.18
N ILE A 51 21.14 15.62 -2.01
CA ILE A 51 22.23 16.27 -2.75
C ILE A 51 22.03 17.79 -2.76
N TYR A 52 23.12 18.54 -2.62
CA TYR A 52 23.13 20.00 -2.78
C TYR A 52 23.68 20.31 -4.18
N PRO A 53 22.82 20.77 -5.13
CA PRO A 53 23.33 21.05 -6.50
C PRO A 53 24.30 22.23 -6.68
N GLY A 54 24.46 23.10 -5.67
CA GLY A 54 25.46 24.16 -5.69
C GLY A 54 26.91 23.71 -5.86
N ASP A 55 27.26 22.59 -5.24
CA ASP A 55 28.59 21.94 -5.41
C ASP A 55 28.57 20.39 -5.53
N SER A 56 27.41 19.81 -5.85
CA SER A 56 27.21 18.34 -5.98
C SER A 56 27.58 17.49 -4.73
N ASP A 57 27.46 18.09 -3.54
CA ASP A 57 27.80 17.42 -2.27
C ASP A 57 26.59 16.61 -1.83
N THR A 58 26.81 15.35 -1.46
CA THR A 58 25.75 14.36 -1.18
C THR A 58 25.77 13.84 0.25
N ARG A 59 24.62 13.33 0.70
CA ARG A 59 24.47 12.58 1.95
C ARG A 59 23.62 11.33 1.71
N TYR A 60 23.92 10.25 2.43
CA TYR A 60 23.17 8.98 2.36
C TYR A 60 22.94 8.41 3.76
N SER A 61 22.00 7.46 3.86
CA SER A 61 21.86 6.59 5.03
C SER A 61 22.62 5.26 4.79
N PRO A 62 22.99 4.51 5.86
CA PRO A 62 23.78 3.26 5.70
C PRO A 62 23.19 2.11 4.83
N PRO A 63 21.85 1.91 4.81
CA PRO A 63 21.26 0.92 3.89
C PRO A 63 21.46 1.20 2.38
N PHE A 64 21.40 2.48 1.99
CA PHE A 64 21.48 2.91 0.59
C PHE A 64 22.84 3.45 0.13
N GLN A 65 23.75 3.74 1.07
CA GLN A 65 25.14 4.13 0.75
C GLN A 65 25.91 2.90 0.23
N GLY A 66 26.36 2.98 -1.03
CA GLY A 66 26.94 1.83 -1.75
C GLY A 66 26.03 1.20 -2.80
N GLN A 67 24.71 1.31 -2.62
CA GLN A 67 23.69 0.69 -3.50
C GLN A 67 23.23 1.63 -4.63
N VAL A 68 23.07 2.93 -4.33
CA VAL A 68 22.60 3.94 -5.30
C VAL A 68 23.52 5.16 -5.37
N THR A 69 23.31 5.97 -6.41
CA THR A 69 24.09 7.19 -6.67
C THR A 69 23.14 8.36 -7.00
N ILE A 70 23.11 9.36 -6.12
CA ILE A 70 22.28 10.56 -6.28
C ILE A 70 23.17 11.63 -6.93
N THR A 71 22.76 12.10 -8.12
CA THR A 71 23.45 13.17 -8.85
C THR A 71 22.46 14.30 -9.19
N ALA A 72 22.99 15.37 -9.81
CA ALA A 72 22.18 16.49 -10.29
C ALA A 72 22.83 17.25 -11.45
N ASP A 73 22.01 18.05 -12.14
CA ASP A 73 22.45 18.88 -13.27
C ASP A 73 21.89 20.29 -13.07
N ARG A 74 22.78 21.29 -13.05
CA ARG A 74 22.41 22.69 -12.78
C ARG A 74 21.74 23.38 -13.97
N SER A 75 22.26 23.13 -15.18
CA SER A 75 21.74 23.70 -16.44
C SER A 75 20.26 23.38 -16.75
N ILE A 76 19.80 22.19 -16.36
CA ILE A 76 18.41 21.72 -16.58
C ILE A 76 17.57 21.56 -15.29
N THR A 77 18.14 21.84 -14.11
CA THR A 77 17.47 21.79 -12.79
C THR A 77 16.81 20.43 -12.48
N THR A 78 17.58 19.36 -12.72
CA THR A 78 17.11 17.97 -12.64
C THR A 78 18.01 17.14 -11.74
N ALA A 79 17.46 16.66 -10.62
CA ALA A 79 18.12 15.66 -9.75
C ALA A 79 17.82 14.25 -10.25
N TYR A 80 18.75 13.32 -9.99
CA TYR A 80 18.67 11.92 -10.43
C TYR A 80 18.89 10.91 -9.29
N LEU A 81 18.55 9.66 -9.57
CA LEU A 81 18.84 8.51 -8.70
C LEU A 81 19.19 7.32 -9.60
N GLU A 82 20.44 6.86 -9.53
CA GLU A 82 21.00 5.88 -10.46
C GLU A 82 21.27 4.51 -9.80
N TRP A 83 20.85 3.44 -10.47
CA TRP A 83 21.23 2.05 -10.16
C TRP A 83 22.09 1.53 -11.29
N SER A 84 23.24 0.94 -10.95
CA SER A 84 24.10 0.22 -11.91
C SER A 84 23.60 -1.20 -12.17
N SER A 85 23.16 -1.89 -11.11
CA SER A 85 22.56 -3.24 -11.18
C SER A 85 21.34 -3.34 -10.25
N LEU A 86 20.14 -3.40 -10.84
CA LEU A 86 18.89 -3.56 -10.08
C LEU A 86 18.72 -4.98 -9.53
N LYS A 87 17.92 -5.08 -8.47
CA LYS A 87 17.51 -6.34 -7.84
C LYS A 87 15.99 -6.34 -7.62
N ALA A 88 15.44 -7.50 -7.30
CA ALA A 88 13.99 -7.65 -7.01
C ALA A 88 13.54 -6.90 -5.75
N SER A 89 14.42 -6.79 -4.75
CA SER A 89 14.20 -5.96 -3.55
C SER A 89 14.02 -4.45 -3.82
N ASP A 90 14.58 -3.94 -4.92
CA ASP A 90 14.41 -2.53 -5.34
C ASP A 90 13.03 -2.18 -5.95
N THR A 91 12.14 -3.17 -6.15
CA THR A 91 10.73 -2.90 -6.55
C THR A 91 10.00 -2.06 -5.47
N ALA A 92 9.83 -0.77 -5.76
CA ALA A 92 9.26 0.21 -4.81
C ALA A 92 8.77 1.49 -5.48
N MET A 93 8.10 2.32 -4.70
CA MET A 93 7.76 3.71 -5.06
C MET A 93 8.93 4.60 -4.62
N TYR A 94 9.41 5.45 -5.53
CA TYR A 94 10.56 6.34 -5.29
C TYR A 94 10.15 7.81 -5.41
N TYR A 95 9.79 8.40 -4.26
CA TYR A 95 9.43 9.82 -4.19
C TYR A 95 10.67 10.71 -4.24
N CYS A 96 10.55 11.84 -4.96
CA CYS A 96 11.52 12.92 -4.98
C CYS A 96 11.00 14.00 -4.04
N ALA A 97 11.91 14.73 -3.39
CA ALA A 97 11.52 15.81 -2.48
C ALA A 97 12.64 16.83 -2.21
N ARG A 98 12.28 18.11 -2.25
CA ARG A 98 13.17 19.21 -1.89
C ARG A 98 13.06 19.42 -0.37
N VAL A 99 14.17 19.82 0.24
CA VAL A 99 14.20 20.19 1.68
C VAL A 99 13.44 21.52 1.85
N GLY A 100 12.75 21.67 2.97
CA GLY A 100 11.81 22.77 3.21
C GLY A 100 12.32 24.20 3.34
N ARG A 101 13.63 24.37 3.54
CA ARG A 101 14.26 25.68 3.74
C ARG A 101 15.62 25.77 3.01
N PRO A 102 16.05 26.99 2.59
CA PRO A 102 17.28 27.11 1.78
C PRO A 102 18.58 27.01 2.59
N SER A 103 19.63 26.53 1.92
CA SER A 103 21.03 26.53 2.43
C SER A 103 21.30 25.68 3.69
N LYS A 104 20.38 24.77 4.04
CA LYS A 104 20.46 23.97 5.27
C LYS A 104 19.72 22.64 5.10
N GLY A 105 20.07 21.67 5.94
CA GLY A 105 19.33 20.42 6.04
C GLY A 105 17.98 20.59 6.70
N GLY A 106 17.09 19.62 6.49
CA GLY A 106 15.74 19.69 7.05
C GLY A 106 14.74 18.67 6.58
N TRP A 107 13.52 18.84 7.10
CA TRP A 107 12.28 18.22 6.61
C TRP A 107 12.07 18.41 5.09
N PHE A 108 11.36 17.47 4.46
CA PHE A 108 11.05 17.53 3.02
C PHE A 108 9.74 18.28 2.74
N ASP A 109 9.82 19.34 1.92
CA ASP A 109 8.64 20.06 1.40
C ASP A 109 9.03 20.95 0.20
N PRO A 110 8.37 20.80 -0.99
CA PRO A 110 7.33 19.85 -1.38
C PRO A 110 7.88 18.49 -1.83
N TRP A 111 6.96 17.57 -2.09
CA TRP A 111 7.26 16.22 -2.60
C TRP A 111 6.83 16.10 -4.07
N GLY A 112 7.42 15.12 -4.76
CA GLY A 112 7.01 14.73 -6.10
C GLY A 112 5.87 13.72 -6.06
N GLN A 113 5.32 13.42 -7.23
CA GLN A 113 4.22 12.45 -7.38
C GLN A 113 4.69 10.99 -7.20
N GLY A 114 5.92 10.69 -7.62
CA GLY A 114 6.57 9.40 -7.38
C GLY A 114 6.73 8.60 -8.66
N THR A 115 7.70 7.69 -8.64
CA THR A 115 8.05 6.83 -9.78
C THR A 115 7.96 5.36 -9.33
N LEU A 116 7.01 4.62 -9.90
CA LEU A 116 6.90 3.16 -9.70
C LEU A 116 7.97 2.45 -10.52
N VAL A 117 9.05 2.06 -9.85
CA VAL A 117 10.06 1.16 -10.40
C VAL A 117 9.68 -0.26 -9.99
N THR A 118 9.58 -1.15 -10.98
CA THR A 118 9.30 -2.57 -10.78
C THR A 118 10.44 -3.37 -11.42
N VAL A 119 11.00 -4.33 -10.66
CA VAL A 119 12.12 -5.17 -11.12
C VAL A 119 11.73 -6.64 -10.93
N SER A 120 11.72 -7.39 -12.02
CA SER A 120 11.36 -8.83 -11.99
C SER A 120 11.84 -9.55 -13.27
N SER A 121 12.22 -10.82 -13.11
CA SER A 121 12.63 -11.67 -14.24
C SER A 121 11.48 -12.04 -15.20
N ALA A 122 10.23 -11.97 -14.72
CA ALA A 122 9.04 -12.20 -15.56
C ALA A 122 8.84 -11.07 -16.57
N SER A 123 8.41 -11.45 -17.78
CA SER A 123 8.10 -10.52 -18.87
C SER A 123 6.59 -10.20 -18.89
N THR A 124 6.19 -9.29 -19.79
CA THR A 124 4.79 -8.87 -19.92
C THR A 124 3.86 -10.03 -20.31
N LYS A 125 2.69 -10.10 -19.66
CA LYS A 125 1.69 -11.16 -19.90
C LYS A 125 0.30 -10.68 -19.49
N GLY A 126 -0.69 -10.90 -20.36
CA GLY A 126 -2.08 -10.54 -20.08
C GLY A 126 -2.79 -11.60 -19.24
N PRO A 127 -3.83 -11.22 -18.47
CA PRO A 127 -4.50 -12.17 -17.58
C PRO A 127 -5.46 -13.15 -18.28
N SER A 128 -5.76 -14.23 -17.57
CA SER A 128 -6.86 -15.15 -17.91
C SER A 128 -7.97 -14.91 -16.89
N VAL A 129 -9.13 -14.48 -17.36
CA VAL A 129 -10.27 -14.11 -16.51
C VAL A 129 -11.16 -15.35 -16.34
N PHE A 130 -11.21 -15.89 -15.13
CA PHE A 130 -12.01 -17.08 -14.78
C PHE A 130 -13.19 -16.67 -13.89
N PRO A 131 -14.41 -17.23 -14.13
CA PRO A 131 -15.57 -16.82 -13.33
C PRO A 131 -15.66 -17.54 -11.98
N LEU A 132 -15.75 -16.78 -10.89
CA LEU A 132 -16.17 -17.28 -9.58
C LEU A 132 -17.70 -17.25 -9.57
N ALA A 133 -18.31 -18.36 -9.99
CA ALA A 133 -19.78 -18.45 -10.18
C ALA A 133 -20.53 -18.45 -8.83
N PRO A 134 -21.78 -17.92 -8.80
CA PRO A 134 -22.55 -17.92 -7.56
C PRO A 134 -23.04 -19.31 -7.18
N SER A 135 -23.08 -19.59 -5.88
CA SER A 135 -23.36 -20.92 -5.34
C SER A 135 -24.84 -21.32 -5.56
N SER A 136 -25.05 -22.59 -5.88
CA SER A 136 -26.40 -23.20 -5.92
C SER A 136 -27.06 -23.30 -4.53
N LYS A 137 -26.22 -23.40 -3.47
CA LYS A 137 -26.68 -23.35 -2.07
C LYS A 137 -26.80 -21.92 -1.47
N SER A 138 -26.91 -20.88 -2.33
CA SER A 138 -27.29 -19.52 -1.89
C SER A 138 -28.71 -19.53 -1.32
N THR A 139 -28.91 -18.80 -0.22
CA THR A 139 -30.18 -18.80 0.52
C THR A 139 -31.28 -18.08 -0.27
N SER A 140 -32.48 -18.68 -0.32
CA SER A 140 -33.61 -18.13 -1.08
C SER A 140 -34.13 -16.88 -0.39
N GLY A 141 -34.10 -15.75 -1.10
CA GLY A 141 -34.36 -14.43 -0.53
C GLY A 141 -33.28 -13.93 0.43
N GLY A 142 -32.02 -14.26 0.13
CA GLY A 142 -30.85 -13.82 0.88
C GLY A 142 -29.86 -13.13 -0.04
N THR A 143 -28.61 -13.06 0.41
CA THR A 143 -27.50 -12.49 -0.35
C THR A 143 -26.68 -13.61 -1.01
N ALA A 144 -26.15 -13.32 -2.21
CA ALA A 144 -25.34 -14.25 -2.99
C ALA A 144 -24.06 -13.55 -3.46
N ALA A 145 -22.91 -14.20 -3.22
CA ALA A 145 -21.59 -13.68 -3.63
C ALA A 145 -21.16 -14.32 -4.96
N LEU A 146 -20.65 -13.47 -5.86
CA LEU A 146 -20.03 -13.90 -7.12
C LEU A 146 -18.85 -13.01 -7.45
N GLY A 147 -18.02 -13.43 -8.41
CA GLY A 147 -16.82 -12.66 -8.77
C GLY A 147 -16.05 -13.16 -9.98
N CYS A 148 -14.91 -12.52 -10.23
CA CYS A 148 -13.94 -12.91 -11.27
C CYS A 148 -12.56 -13.11 -10.66
N LEU A 149 -11.80 -14.04 -11.23
CA LEU A 149 -10.42 -14.33 -10.85
C LEU A 149 -9.50 -13.93 -12.01
N VAL A 150 -8.81 -12.80 -11.83
CA VAL A 150 -7.86 -12.27 -12.83
C VAL A 150 -6.50 -12.91 -12.53
N LYS A 151 -6.27 -14.09 -13.11
CA LYS A 151 -5.12 -14.97 -12.78
C LYS A 151 -3.97 -14.79 -13.77
N ASP A 152 -2.74 -14.77 -13.24
CA ASP A 152 -1.48 -14.81 -14.02
C ASP A 152 -1.31 -13.64 -15.00
N TYR A 153 -0.84 -12.50 -14.49
CA TYR A 153 -0.48 -11.34 -15.32
C TYR A 153 0.72 -10.58 -14.78
N PHE A 154 1.33 -9.78 -15.66
CA PHE A 154 2.47 -8.91 -15.32
C PHE A 154 2.62 -7.83 -16.40
N PRO A 155 2.97 -6.59 -16.01
CA PRO A 155 3.07 -6.00 -14.66
C PRO A 155 1.70 -5.55 -14.13
N GLU A 156 1.71 -4.92 -12.96
CA GLU A 156 0.54 -4.15 -12.46
C GLU A 156 0.34 -2.87 -13.30
N PRO A 157 -0.88 -2.28 -13.29
CA PRO A 157 -2.13 -2.67 -12.61
C PRO A 157 -3.15 -3.33 -13.56
N VAL A 158 -4.28 -3.75 -12.98
CA VAL A 158 -5.51 -4.11 -13.72
C VAL A 158 -6.70 -3.36 -13.11
N THR A 159 -7.60 -2.89 -13.97
CA THR A 159 -8.80 -2.12 -13.58
C THR A 159 -10.04 -2.95 -13.87
N VAL A 160 -10.70 -3.44 -12.81
CA VAL A 160 -11.92 -4.25 -12.89
C VAL A 160 -13.13 -3.36 -12.59
N SER A 161 -14.16 -3.46 -13.44
CA SER A 161 -15.48 -2.85 -13.21
C SER A 161 -16.58 -3.82 -13.67
N TRP A 162 -17.79 -3.66 -13.11
CA TRP A 162 -18.92 -4.57 -13.35
C TRP A 162 -20.06 -3.90 -14.13
N ASN A 163 -20.50 -4.56 -15.21
CA ASN A 163 -21.59 -4.10 -16.09
C ASN A 163 -21.30 -2.74 -16.74
N SER A 164 -20.07 -2.60 -17.24
CA SER A 164 -19.51 -1.33 -17.78
C SER A 164 -19.54 -0.16 -16.77
N GLY A 165 -19.26 -0.46 -15.50
CA GLY A 165 -19.32 0.52 -14.41
C GLY A 165 -20.68 0.85 -13.80
N ALA A 166 -21.73 0.11 -14.18
CA ALA A 166 -23.09 0.30 -13.66
C ALA A 166 -23.22 -0.27 -12.24
N LEU A 167 -22.74 -1.50 -12.06
CA LEU A 167 -22.72 -2.17 -10.74
C LEU A 167 -21.48 -1.74 -9.95
N THR A 168 -21.68 -0.77 -9.05
CA THR A 168 -20.65 -0.29 -8.10
C THR A 168 -20.89 -0.69 -6.64
N SER A 169 -22.16 -0.77 -6.21
CA SER A 169 -22.51 -1.08 -4.80
C SER A 169 -22.21 -2.54 -4.45
N GLY A 170 -21.59 -2.74 -3.28
CA GLY A 170 -21.19 -4.07 -2.81
C GLY A 170 -20.02 -4.75 -3.52
N VAL A 171 -19.25 -3.99 -4.32
CA VAL A 171 -18.13 -4.51 -5.11
C VAL A 171 -16.83 -4.40 -4.30
N HIS A 172 -15.97 -5.41 -4.41
CA HIS A 172 -14.66 -5.44 -3.73
C HIS A 172 -13.58 -6.00 -4.67
N THR A 173 -12.89 -5.11 -5.37
CA THR A 173 -11.70 -5.43 -6.15
C THR A 173 -10.51 -5.45 -5.19
N PHE A 174 -9.97 -6.65 -4.94
CA PHE A 174 -8.88 -6.86 -3.98
C PHE A 174 -7.54 -6.44 -4.56
N PRO A 175 -6.55 -6.04 -3.71
CA PRO A 175 -5.19 -5.83 -4.22
C PRO A 175 -4.54 -7.15 -4.66
N ALA A 176 -3.67 -7.07 -5.66
CA ALA A 176 -3.05 -8.27 -6.26
C ALA A 176 -2.01 -8.89 -5.33
N VAL A 177 -1.76 -10.19 -5.53
CA VAL A 177 -0.74 -10.96 -4.80
C VAL A 177 0.28 -11.49 -5.80
N LEU A 178 1.57 -11.28 -5.51
CA LEU A 178 2.66 -11.77 -6.36
C LEU A 178 2.89 -13.25 -6.05
N GLN A 179 2.59 -14.10 -7.04
CA GLN A 179 2.71 -15.56 -6.90
C GLN A 179 4.17 -16.02 -6.97
N SER A 180 4.39 -17.30 -6.67
CA SER A 180 5.72 -17.95 -6.78
C SER A 180 6.34 -17.90 -8.19
N SER A 181 5.49 -17.97 -9.22
CA SER A 181 5.92 -17.85 -10.62
C SER A 181 6.48 -16.48 -11.04
N GLY A 182 6.11 -15.41 -10.32
CA GLY A 182 6.44 -14.02 -10.68
C GLY A 182 5.30 -13.22 -11.31
N LEU A 183 4.21 -13.90 -11.67
CA LEU A 183 3.00 -13.28 -12.24
C LEU A 183 2.02 -12.94 -11.12
N TYR A 184 1.42 -11.75 -11.20
CA TYR A 184 0.40 -11.31 -10.23
C TYR A 184 -0.93 -12.02 -10.46
N SER A 185 -1.69 -12.18 -9.38
CA SER A 185 -3.06 -12.71 -9.41
C SER A 185 -3.96 -11.83 -8.54
N LEU A 186 -5.18 -11.58 -9.03
CA LEU A 186 -6.13 -10.66 -8.41
C LEU A 186 -7.54 -11.26 -8.45
N SER A 187 -8.35 -10.90 -7.46
CA SER A 187 -9.76 -11.29 -7.36
C SER A 187 -10.61 -10.02 -7.28
N SER A 188 -11.82 -10.09 -7.85
CA SER A 188 -12.84 -9.04 -7.74
C SER A 188 -14.19 -9.72 -7.52
N VAL A 189 -14.90 -9.34 -6.46
CA VAL A 189 -16.17 -9.97 -6.07
C VAL A 189 -17.26 -8.92 -5.83
N VAL A 190 -18.51 -9.34 -6.01
CA VAL A 190 -19.69 -8.52 -5.74
C VAL A 190 -20.77 -9.37 -5.04
N THR A 191 -21.36 -8.82 -3.97
CA THR A 191 -22.50 -9.41 -3.28
C THR A 191 -23.78 -8.79 -3.84
N VAL A 192 -24.75 -9.65 -4.17
CA VAL A 192 -26.04 -9.25 -4.78
C VAL A 192 -27.19 -10.07 -4.18
N PRO A 193 -28.47 -9.68 -4.44
CA PRO A 193 -29.59 -10.54 -4.00
C PRO A 193 -29.65 -11.90 -4.69
N SER A 194 -30.16 -12.92 -3.99
CA SER A 194 -30.36 -14.25 -4.56
C SER A 194 -31.46 -14.28 -5.64
N SER A 195 -32.52 -13.49 -5.42
CA SER A 195 -33.59 -13.29 -6.41
C SER A 195 -33.15 -12.69 -7.75
N SER A 196 -32.11 -11.84 -7.74
CA SER A 196 -31.57 -11.21 -8.96
C SER A 196 -30.78 -12.13 -9.91
N LEU A 197 -30.30 -13.28 -9.42
CA LEU A 197 -29.44 -14.20 -10.21
C LEU A 197 -30.08 -14.75 -11.49
N GLY A 198 -31.40 -14.98 -11.47
CA GLY A 198 -32.15 -15.42 -12.64
C GLY A 198 -32.30 -14.35 -13.71
N THR A 199 -32.73 -13.15 -13.30
CA THR A 199 -33.00 -12.04 -14.21
C THR A 199 -31.75 -11.26 -14.62
N GLN A 200 -31.01 -10.76 -13.62
CA GLN A 200 -29.86 -9.88 -13.85
C GLN A 200 -28.65 -10.63 -14.41
N THR A 201 -27.91 -9.96 -15.29
CA THR A 201 -26.64 -10.45 -15.87
C THR A 201 -25.49 -9.67 -15.23
N TYR A 202 -24.41 -10.39 -14.87
CA TYR A 202 -23.23 -9.85 -14.19
C TYR A 202 -21.98 -10.14 -15.03
N ILE A 203 -21.35 -9.09 -15.55
CA ILE A 203 -20.16 -9.19 -16.41
C ILE A 203 -19.06 -8.29 -15.84
N CYS A 204 -17.94 -8.88 -15.40
CA CYS A 204 -16.75 -8.10 -15.01
C CYS A 204 -15.97 -7.66 -16.25
N ASN A 205 -15.38 -6.48 -16.18
CA ASN A 205 -14.69 -5.83 -17.31
C ASN A 205 -13.22 -5.65 -16.92
N VAL A 206 -12.41 -6.66 -17.23
CA VAL A 206 -10.97 -6.65 -16.95
C VAL A 206 -10.27 -5.90 -18.08
N ASN A 207 -9.32 -5.04 -17.71
CA ASN A 207 -8.45 -4.30 -18.66
C ASN A 207 -7.01 -4.28 -18.12
N HIS A 208 -6.07 -4.76 -18.94
CA HIS A 208 -4.64 -4.76 -18.63
C HIS A 208 -3.90 -4.03 -19.76
N LYS A 209 -3.54 -2.77 -19.49
CA LYS A 209 -2.94 -1.87 -20.50
C LYS A 209 -1.54 -2.24 -21.04
N PRO A 210 -0.66 -2.86 -20.21
CA PRO A 210 0.66 -3.29 -20.72
C PRO A 210 0.65 -4.33 -21.86
N SER A 211 -0.27 -5.29 -21.82
CA SER A 211 -0.45 -6.31 -22.88
C SER A 211 -1.57 -6.00 -23.90
N ASN A 212 -2.22 -4.84 -23.79
CA ASN A 212 -3.39 -4.43 -24.60
C ASN A 212 -4.58 -5.41 -24.53
N THR A 213 -4.81 -5.99 -23.34
CA THR A 213 -5.82 -7.01 -23.09
C THR A 213 -7.08 -6.36 -22.51
N LYS A 214 -8.24 -6.67 -23.11
CA LYS A 214 -9.56 -6.25 -22.62
C LYS A 214 -10.51 -7.45 -22.70
N VAL A 215 -11.01 -7.90 -21.55
CA VAL A 215 -11.86 -9.10 -21.43
C VAL A 215 -13.18 -8.72 -20.73
N ASP A 216 -14.30 -9.16 -21.31
CA ASP A 216 -15.65 -9.05 -20.71
C ASP A 216 -16.16 -10.46 -20.44
N LYS A 217 -15.96 -10.94 -19.20
CA LYS A 217 -16.29 -12.33 -18.80
C LYS A 217 -17.64 -12.38 -18.07
N ARG A 218 -18.55 -13.19 -18.60
CA ARG A 218 -19.91 -13.36 -18.06
C ARG A 218 -19.89 -14.38 -16.90
N VAL A 219 -20.24 -13.90 -15.70
CA VAL A 219 -20.38 -14.75 -14.50
C VAL A 219 -21.86 -15.07 -14.33
N GLU A 220 -22.20 -16.37 -14.35
CA GLU A 220 -23.59 -16.84 -14.24
C GLU A 220 -23.70 -18.16 -13.45
N PRO A 221 -24.91 -18.51 -12.94
CA PRO A 221 -25.06 -19.78 -12.20
C PRO A 221 -25.04 -21.03 -13.11
N LYS A 222 -24.74 -22.18 -12.51
CA LYS A 222 -24.68 -23.46 -13.23
C LYS A 222 -26.09 -24.01 -13.50
N ASP B 1 23.61 6.55 14.19
CA ASP B 1 22.41 7.27 13.66
C ASP B 1 21.24 7.28 14.64
N ILE B 2 20.28 8.18 14.38
CA ILE B 2 19.11 8.39 15.25
C ILE B 2 17.99 7.46 14.75
N GLN B 3 17.44 6.66 15.67
CA GLN B 3 16.33 5.73 15.39
C GLN B 3 15.03 6.32 15.91
N MET B 4 13.99 6.32 15.06
CA MET B 4 12.67 6.88 15.37
C MET B 4 11.66 5.73 15.53
N THR B 5 10.98 5.69 16.68
CA THR B 5 10.04 4.61 17.04
C THR B 5 8.69 5.22 17.45
N GLN B 6 7.68 5.05 16.59
CA GLN B 6 6.29 5.47 16.86
C GLN B 6 5.51 4.43 17.63
N SER B 7 4.44 4.88 18.27
CA SER B 7 3.57 4.03 19.12
C SER B 7 2.11 4.52 19.09
N PRO B 8 1.13 3.66 18.73
CA PRO B 8 1.22 2.26 18.26
C PRO B 8 1.56 2.15 16.77
N ASP B 9 1.77 0.91 16.31
CA ASP B 9 1.97 0.61 14.88
C ASP B 9 0.67 0.79 14.07
N SER B 10 -0.45 0.36 14.65
CA SER B 10 -1.81 0.60 14.11
C SER B 10 -2.71 1.15 15.23
N LEU B 11 -3.52 2.16 14.90
CA LEU B 11 -4.41 2.86 15.84
C LEU B 11 -5.83 2.92 15.27
N ALA B 12 -6.82 2.49 16.08
CA ALA B 12 -8.24 2.52 15.71
C ALA B 12 -8.99 3.42 16.70
N VAL B 13 -9.43 4.59 16.22
CA VAL B 13 -10.16 5.59 17.01
C VAL B 13 -11.56 5.78 16.38
N SER B 14 -12.57 5.95 17.22
CA SER B 14 -13.95 6.21 16.75
C SER B 14 -14.08 7.64 16.20
N LEU B 15 -15.08 7.84 15.34
CA LEU B 15 -15.36 9.16 14.75
C LEU B 15 -15.86 10.12 15.83
N GLY B 16 -15.19 11.27 15.98
CA GLY B 16 -15.44 12.22 17.06
C GLY B 16 -14.43 12.21 18.22
N GLU B 17 -13.80 11.06 18.46
CA GLU B 17 -12.90 10.85 19.61
C GLU B 17 -11.45 11.26 19.32
N ARG B 18 -10.67 11.36 20.39
CA ARG B 18 -9.29 11.85 20.36
C ARG B 18 -8.32 10.76 19.86
N ALA B 19 -7.47 11.11 18.90
CA ALA B 19 -6.41 10.23 18.37
C ALA B 19 -5.04 10.75 18.81
N THR B 20 -4.23 9.86 19.41
CA THR B 20 -2.92 10.20 19.99
C THR B 20 -1.85 9.29 19.36
N ILE B 21 -0.99 9.88 18.53
CA ILE B 21 0.09 9.16 17.82
C ILE B 21 1.43 9.68 18.37
N ASN B 22 2.14 8.83 19.10
CA ASN B 22 3.43 9.17 19.74
C ASN B 22 4.62 8.90 18.81
N CYS B 23 5.77 9.47 19.18
CA CYS B 23 7.05 9.29 18.46
C CYS B 23 8.22 9.51 19.42
N GLU B 24 9.02 8.46 19.64
CA GLU B 24 10.16 8.46 20.55
C GLU B 24 11.45 8.34 19.74
N SER B 25 12.33 9.35 19.85
CA SER B 25 13.67 9.31 19.24
C SER B 25 14.68 8.69 20.21
N SER B 26 15.79 8.19 19.65
CA SER B 26 16.86 7.53 20.43
C SER B 26 17.67 8.53 21.25
N GLN B 27 18.09 9.62 20.61
CA GLN B 27 18.77 10.77 21.25
C GLN B 27 17.96 12.05 21.07
N THR B 28 18.30 13.08 21.83
CA THR B 28 17.50 14.31 21.92
C THR B 28 17.53 15.16 20.63
N LEU B 29 16.37 15.73 20.30
CA LEU B 29 16.17 16.63 19.14
C LEU B 29 16.13 18.13 19.50
N LEU B 30 16.07 18.46 20.81
CA LEU B 30 16.09 19.86 21.27
C LEU B 30 17.52 20.41 21.21
N TYR B 31 17.68 21.59 20.61
CA TYR B 31 18.95 22.33 20.56
C TYR B 31 18.81 23.55 21.46
N ARG B 32 19.69 23.66 22.46
CA ARG B 32 19.57 24.66 23.53
C ARG B 32 19.91 26.12 23.15
N SER B 33 20.60 26.33 22.02
CA SER B 33 20.94 27.68 21.54
C SER B 33 19.70 28.45 21.04
N ASN B 34 18.92 27.81 20.18
CA ASN B 34 17.66 28.37 19.60
C ASN B 34 16.35 27.82 20.19
N LYS B 35 16.43 26.79 21.06
CA LYS B 35 15.27 26.19 21.76
C LYS B 35 14.24 25.54 20.81
N LYS B 36 14.73 24.97 19.70
CA LYS B 36 13.91 24.38 18.64
C LYS B 36 14.08 22.87 18.63
N ASN B 37 12.96 22.14 18.69
CA ASN B 37 12.94 20.69 18.47
C ASN B 37 12.91 20.42 16.96
N TYR B 38 13.91 19.68 16.47
CA TYR B 38 14.07 19.39 15.04
C TYR B 38 13.31 18.11 14.68
N LEU B 39 11.97 18.22 14.69
CA LEU B 39 11.05 17.13 14.33
C LEU B 39 9.96 17.63 13.40
N ALA B 40 9.62 16.81 12.41
CA ALA B 40 8.54 17.06 11.45
C ALA B 40 7.60 15.86 11.40
N TRP B 41 6.29 16.13 11.38
CA TRP B 41 5.25 15.11 11.14
C TRP B 41 4.79 15.15 9.68
N TYR B 42 4.29 14.00 9.20
CA TYR B 42 3.77 13.83 7.84
C TYR B 42 2.44 13.09 7.84
N GLN B 43 1.63 13.37 6.82
CA GLN B 43 0.37 12.65 6.56
C GLN B 43 0.46 12.11 5.14
N GLN B 44 0.42 10.77 5.02
CA GLN B 44 0.28 10.10 3.72
C GLN B 44 -1.09 9.42 3.68
N LYS B 45 -2.04 10.07 2.99
CA LYS B 45 -3.35 9.46 2.70
C LYS B 45 -3.21 8.32 1.67
N PRO B 46 -4.19 7.37 1.60
CA PRO B 46 -4.08 6.23 0.67
C PRO B 46 -3.97 6.62 -0.80
N GLY B 47 -2.99 6.05 -1.50
CA GLY B 47 -2.72 6.35 -2.91
C GLY B 47 -2.23 7.74 -3.26
N GLN B 48 -1.65 8.45 -2.28
CA GLN B 48 -1.07 9.80 -2.47
C GLN B 48 0.38 9.84 -1.96
N PRO B 49 1.16 10.90 -2.34
CA PRO B 49 2.47 11.10 -1.70
C PRO B 49 2.36 11.58 -0.23
N PRO B 50 3.48 11.52 0.54
CA PRO B 50 3.51 12.15 1.87
C PRO B 50 3.40 13.68 1.80
N LYS B 51 2.51 14.24 2.63
CA LYS B 51 2.29 15.68 2.75
C LYS B 51 2.85 16.14 4.10
N LEU B 52 3.51 17.31 4.11
CA LEU B 52 4.01 17.92 5.35
C LEU B 52 2.84 18.46 6.16
N LEU B 53 2.71 17.97 7.40
CA LEU B 53 1.63 18.37 8.31
C LEU B 53 2.15 19.41 9.31
N ILE B 54 3.19 19.03 10.07
CA ILE B 54 3.80 19.86 11.11
C ILE B 54 5.33 19.86 10.92
N SER B 55 5.95 21.02 11.14
CA SER B 55 7.41 21.19 11.24
C SER B 55 7.77 21.86 12.56
N TRP B 56 9.03 21.75 12.95
CA TRP B 56 9.57 22.27 14.24
C TRP B 56 8.82 21.76 15.49
N ALA B 57 8.29 20.53 15.42
CA ALA B 57 7.45 19.91 16.47
C ALA B 57 6.06 20.54 16.72
N SER B 58 6.00 21.86 16.96
CA SER B 58 4.77 22.58 17.31
C SER B 58 4.48 23.80 16.39
N THR B 59 4.61 23.61 15.08
CA THR B 59 4.24 24.62 14.06
C THR B 59 3.59 23.92 12.83
N PRO B 60 2.24 23.83 12.79
CA PRO B 60 1.55 23.32 11.60
C PRO B 60 1.66 24.22 10.36
N GLU B 61 1.51 23.61 9.18
CA GLU B 61 1.49 24.34 7.91
C GLU B 61 0.16 25.07 7.70
N SER B 62 0.18 26.02 6.76
CA SER B 62 -1.02 26.78 6.37
C SER B 62 -1.96 25.87 5.57
N GLY B 63 -3.25 25.89 5.94
CA GLY B 63 -4.26 24.97 5.40
C GLY B 63 -4.59 23.75 6.26
N VAL B 64 -3.74 23.43 7.26
CA VAL B 64 -3.96 22.28 8.16
C VAL B 64 -5.10 22.64 9.14
N PRO B 65 -6.07 21.72 9.38
CA PRO B 65 -7.14 21.99 10.36
C PRO B 65 -6.69 22.20 11.82
N ASP B 66 -7.51 22.90 12.59
CA ASP B 66 -7.22 23.21 14.01
C ASP B 66 -7.19 21.99 14.95
N ARG B 67 -8.01 20.98 14.65
CA ARG B 67 -8.01 19.68 15.36
C ARG B 67 -6.63 18.99 15.44
N PHE B 68 -5.84 19.11 14.38
CA PHE B 68 -4.43 18.66 14.39
C PHE B 68 -3.56 19.56 15.28
N SER B 69 -2.70 18.95 16.09
CA SER B 69 -1.69 19.67 16.87
C SER B 69 -0.53 18.77 17.29
N GLY B 70 0.69 19.34 17.29
CA GLY B 70 1.93 18.64 17.61
C GLY B 70 2.52 19.15 18.90
N SER B 71 2.86 18.24 19.81
CA SER B 71 3.40 18.57 21.15
C SER B 71 4.61 17.70 21.52
N GLY B 72 5.20 18.01 22.67
CA GLY B 72 6.36 17.29 23.21
C GLY B 72 7.67 18.00 22.93
N SER B 73 8.73 17.55 23.60
CA SER B 73 10.08 18.11 23.44
C SER B 73 11.17 17.12 23.85
N GLY B 74 12.38 17.34 23.34
CA GLY B 74 13.55 16.51 23.64
C GLY B 74 13.50 15.18 22.92
N THR B 75 13.14 14.11 23.64
CA THR B 75 13.03 12.75 23.10
C THR B 75 11.59 12.39 22.73
N SER B 76 10.68 12.55 23.69
CA SER B 76 9.26 12.22 23.52
C SER B 76 8.52 13.27 22.69
N PHE B 77 7.69 12.82 21.74
CA PHE B 77 6.81 13.69 20.92
C PHE B 77 5.45 13.05 20.69
N THR B 78 4.46 13.88 20.33
CA THR B 78 3.08 13.46 20.10
C THR B 78 2.41 14.27 18.98
N LEU B 79 1.65 13.58 18.12
CA LEU B 79 0.68 14.19 17.20
C LEU B 79 -0.72 13.92 17.76
N THR B 80 -1.56 14.96 17.78
CA THR B 80 -2.88 14.92 18.42
C THR B 80 -3.97 15.41 17.47
N ILE B 81 -4.87 14.50 17.08
CA ILE B 81 -6.14 14.85 16.41
C ILE B 81 -7.18 14.85 17.55
N SER B 82 -7.73 16.03 17.85
CA SER B 82 -8.65 16.21 18.99
C SER B 82 -10.02 15.53 18.77
N SER B 83 -10.53 15.63 17.55
CA SER B 83 -11.78 14.97 17.12
C SER B 83 -11.57 14.36 15.73
N LEU B 84 -11.54 13.03 15.64
CA LEU B 84 -11.28 12.32 14.37
C LEU B 84 -12.45 12.47 13.40
N GLN B 85 -12.11 12.65 12.12
CA GLN B 85 -13.07 12.69 11.01
C GLN B 85 -12.71 11.63 9.97
N ALA B 86 -13.60 11.44 8.99
CA ALA B 86 -13.43 10.41 7.93
C ALA B 86 -12.24 10.68 6.99
N GLU B 87 -12.00 11.96 6.69
CA GLU B 87 -10.81 12.39 5.91
C GLU B 87 -9.45 12.11 6.56
N ASP B 88 -9.40 12.03 7.89
CA ASP B 88 -8.15 11.82 8.65
C ASP B 88 -7.53 10.40 8.57
N VAL B 89 -8.22 9.44 7.93
CA VAL B 89 -7.70 8.07 7.71
C VAL B 89 -6.46 8.13 6.81
N ALA B 90 -5.29 7.90 7.43
CA ALA B 90 -3.99 7.97 6.74
C ALA B 90 -2.90 7.29 7.56
N VAL B 91 -1.74 7.07 6.92
CA VAL B 91 -0.53 6.61 7.62
C VAL B 91 0.28 7.85 7.98
N TYR B 92 0.57 8.02 9.27
CA TYR B 92 1.29 9.20 9.81
C TYR B 92 2.73 8.83 10.16
N TYR B 93 3.69 9.65 9.71
CA TYR B 93 5.12 9.45 9.93
C TYR B 93 5.74 10.66 10.62
N CYS B 94 6.53 10.44 11.67
CA CYS B 94 7.43 11.46 12.24
C CYS B 94 8.82 11.34 11.59
N GLN B 95 9.58 12.43 11.63
CA GLN B 95 10.94 12.49 11.06
C GLN B 95 11.80 13.50 11.81
N GLN B 96 12.96 13.06 12.31
CA GLN B 96 14.00 13.96 12.83
C GLN B 96 14.83 14.54 11.68
N TYR B 97 15.23 15.80 11.81
CA TYR B 97 16.21 16.44 10.91
C TYR B 97 17.32 17.17 11.71
N TYR B 98 17.79 16.49 12.75
CA TYR B 98 18.84 16.99 13.65
C TYR B 98 20.21 16.68 13.05
N ASN B 99 20.46 15.40 12.78
CA ASN B 99 21.71 14.90 12.17
C ASN B 99 21.38 14.02 10.96
N SER B 100 22.21 14.11 9.92
CA SER B 100 22.07 13.28 8.71
C SER B 100 22.54 11.84 9.02
N PRO B 101 21.78 10.81 8.62
CA PRO B 101 20.55 10.81 7.80
C PRO B 101 19.29 11.20 8.58
N TYR B 102 18.40 11.93 7.90
CA TYR B 102 17.17 12.48 8.49
C TYR B 102 16.07 11.41 8.45
N THR B 103 16.22 10.43 9.36
CA THR B 103 15.42 9.20 9.34
C THR B 103 13.95 9.43 9.75
N PHE B 104 13.07 8.65 9.13
CA PHE B 104 11.63 8.62 9.47
C PHE B 104 11.36 7.55 10.51
N GLY B 105 10.19 7.63 11.14
CA GLY B 105 9.63 6.52 11.92
C GLY B 105 9.01 5.47 11.00
N GLN B 106 8.76 4.29 11.56
CA GLN B 106 8.12 3.17 10.81
C GLN B 106 6.69 3.46 10.32
N GLY B 107 5.97 4.33 11.02
CA GLY B 107 4.66 4.84 10.60
C GLY B 107 3.52 4.29 11.45
N THR B 108 2.47 5.10 11.59
CA THR B 108 1.29 4.76 12.39
C THR B 108 0.05 4.83 11.49
N ARG B 109 -0.51 3.66 11.16
CA ARG B 109 -1.73 3.56 10.34
C ARG B 109 -2.95 3.90 11.20
N LEU B 110 -3.61 5.02 10.87
CA LEU B 110 -4.81 5.48 11.58
C LEU B 110 -6.05 5.04 10.80
N GLU B 111 -6.91 4.26 11.46
CA GLU B 111 -8.18 3.76 10.89
C GLU B 111 -9.37 4.21 11.75
N ILE B 112 -10.57 4.13 11.16
CA ILE B 112 -11.84 4.40 11.89
C ILE B 112 -12.19 3.15 12.70
N LYS B 113 -12.65 3.37 13.93
CA LYS B 113 -13.13 2.31 14.82
C LYS B 113 -14.65 2.30 14.73
N ARG B 114 -15.21 1.11 14.51
CA ARG B 114 -16.66 0.88 14.48
C ARG B 114 -17.01 -0.34 15.35
N THR B 115 -18.30 -0.69 15.40
CA THR B 115 -18.75 -1.91 16.08
C THR B 115 -18.23 -3.17 15.40
N VAL B 116 -18.15 -4.26 16.17
CA VAL B 116 -17.64 -5.55 15.66
C VAL B 116 -18.68 -6.15 14.69
N ALA B 117 -18.19 -6.59 13.53
CA ALA B 117 -19.01 -7.19 12.47
C ALA B 117 -18.35 -8.48 12.00
N ALA B 118 -19.09 -9.59 12.07
CA ALA B 118 -18.60 -10.91 11.63
C ALA B 118 -18.64 -11.01 10.10
N PRO B 119 -17.70 -11.76 9.48
CA PRO B 119 -17.67 -11.86 8.01
C PRO B 119 -18.74 -12.81 7.46
N SER B 120 -19.34 -12.42 6.33
CA SER B 120 -20.17 -13.34 5.53
C SER B 120 -19.22 -14.19 4.71
N VAL B 121 -19.03 -15.44 5.12
CA VAL B 121 -18.04 -16.33 4.50
C VAL B 121 -18.67 -17.00 3.25
N PHE B 122 -17.89 -17.04 2.16
CA PHE B 122 -18.24 -17.77 0.94
C PHE B 122 -17.04 -18.58 0.45
N ILE B 123 -17.32 -19.62 -0.35
CA ILE B 123 -16.29 -20.47 -0.97
C ILE B 123 -16.64 -20.71 -2.45
N PHE B 124 -15.61 -20.65 -3.30
CA PHE B 124 -15.74 -20.76 -4.75
C PHE B 124 -14.80 -21.86 -5.26
N PRO B 125 -15.34 -22.92 -5.92
CA PRO B 125 -14.44 -23.92 -6.53
C PRO B 125 -13.74 -23.40 -7.80
N PRO B 126 -12.73 -24.15 -8.32
CA PRO B 126 -12.14 -23.81 -9.63
C PRO B 126 -13.12 -24.00 -10.78
N SER B 127 -13.16 -23.03 -11.71
CA SER B 127 -14.08 -23.06 -12.85
C SER B 127 -13.68 -24.10 -13.90
N ASP B 128 -14.62 -24.40 -14.79
CA ASP B 128 -14.39 -25.32 -15.91
C ASP B 128 -13.40 -24.76 -16.96
N GLU B 129 -13.35 -23.44 -17.11
CA GLU B 129 -12.35 -22.76 -17.96
C GLU B 129 -10.91 -22.91 -17.42
N GLN B 130 -10.74 -22.75 -16.11
CA GLN B 130 -9.42 -22.86 -15.46
C GLN B 130 -8.89 -24.31 -15.46
N LEU B 131 -9.77 -25.27 -15.17
CA LEU B 131 -9.43 -26.71 -15.24
C LEU B 131 -9.10 -27.19 -16.68
N LYS B 132 -9.70 -26.57 -17.69
CA LYS B 132 -9.35 -26.79 -19.10
C LYS B 132 -7.93 -26.29 -19.43
N SER B 133 -7.60 -25.09 -18.97
CA SER B 133 -6.24 -24.51 -19.13
C SER B 133 -5.13 -25.23 -18.33
N GLY B 134 -5.49 -25.99 -17.30
CA GLY B 134 -4.57 -26.90 -16.58
C GLY B 134 -4.07 -26.40 -15.24
N THR B 135 -4.99 -25.91 -14.40
CA THR B 135 -4.70 -25.49 -13.01
C THR B 135 -5.99 -25.39 -12.17
N ALA B 136 -5.84 -25.16 -10.86
CA ALA B 136 -6.98 -25.14 -9.91
C ALA B 136 -6.78 -24.15 -8.75
N SER B 137 -7.54 -23.04 -8.78
CA SER B 137 -7.52 -22.01 -7.74
C SER B 137 -8.86 -22.03 -7.00
N VAL B 138 -8.82 -22.22 -5.69
CA VAL B 138 -10.00 -22.26 -4.82
C VAL B 138 -10.02 -20.97 -3.98
N VAL B 139 -10.97 -20.09 -4.25
CA VAL B 139 -11.10 -18.79 -3.57
C VAL B 139 -12.06 -18.92 -2.37
N CYS B 140 -11.74 -18.24 -1.27
CA CYS B 140 -12.61 -18.13 -0.09
C CYS B 140 -12.77 -16.65 0.28
N LEU B 141 -13.98 -16.12 0.09
CA LEU B 141 -14.32 -14.71 0.39
C LEU B 141 -14.81 -14.56 1.82
N LEU B 142 -14.23 -13.60 2.55
CA LEU B 142 -14.75 -13.11 3.84
C LEU B 142 -15.18 -11.66 3.57
N ASN B 143 -16.49 -11.40 3.56
CA ASN B 143 -17.05 -10.10 3.12
C ASN B 143 -17.58 -9.25 4.28
N ASN B 144 -17.10 -8.00 4.36
CA ASN B 144 -17.62 -6.94 5.26
C ASN B 144 -17.54 -7.30 6.75
N PHE B 145 -16.34 -7.17 7.30
CA PHE B 145 -16.07 -7.45 8.73
C PHE B 145 -15.17 -6.39 9.38
N TYR B 146 -15.29 -6.25 10.70
CA TYR B 146 -14.38 -5.43 11.53
C TYR B 146 -14.18 -6.14 12.89
N PRO B 147 -12.92 -6.19 13.41
CA PRO B 147 -11.66 -5.60 12.94
C PRO B 147 -10.92 -6.40 11.87
N ARG B 148 -9.80 -5.82 11.39
CA ARG B 148 -8.91 -6.39 10.35
C ARG B 148 -8.40 -7.82 10.63
N GLU B 149 -8.20 -8.17 11.91
CA GLU B 149 -7.57 -9.45 12.30
C GLU B 149 -8.53 -10.62 12.10
N ALA B 150 -8.25 -11.46 11.10
CA ALA B 150 -9.06 -12.64 10.76
C ALA B 150 -8.17 -13.79 10.25
N LYS B 151 -8.36 -14.98 10.81
CA LYS B 151 -7.58 -16.18 10.46
C LYS B 151 -8.37 -17.05 9.48
N VAL B 152 -7.72 -17.45 8.38
CA VAL B 152 -8.28 -18.37 7.38
C VAL B 152 -7.37 -19.60 7.33
N GLN B 153 -7.95 -20.78 7.55
CA GLN B 153 -7.26 -22.08 7.44
C GLN B 153 -7.98 -22.96 6.42
N TRP B 154 -7.23 -23.45 5.42
CA TRP B 154 -7.77 -24.36 4.39
C TRP B 154 -7.63 -25.82 4.82
N LYS B 155 -8.68 -26.61 4.56
CA LYS B 155 -8.70 -28.06 4.80
C LYS B 155 -9.14 -28.79 3.52
N VAL B 156 -8.43 -29.86 3.18
CA VAL B 156 -8.70 -30.70 1.99
C VAL B 156 -8.76 -32.17 2.46
N ASP B 157 -9.96 -32.76 2.43
CA ASP B 157 -10.27 -34.04 3.10
C ASP B 157 -9.90 -34.04 4.60
N ASN B 158 -10.27 -32.95 5.27
CA ASN B 158 -10.00 -32.70 6.71
C ASN B 158 -8.51 -32.64 7.12
N ALA B 159 -7.62 -32.33 6.16
CA ALA B 159 -6.17 -32.26 6.37
C ALA B 159 -5.72 -30.81 6.21
N LEU B 160 -5.10 -30.24 7.24
CA LEU B 160 -4.80 -28.81 7.31
C LEU B 160 -3.69 -28.39 6.33
N GLN B 161 -4.03 -27.52 5.37
CA GLN B 161 -3.09 -27.04 4.35
C GLN B 161 -2.16 -25.95 4.90
N SER B 162 -0.97 -25.86 4.31
CA SER B 162 0.09 -24.94 4.76
C SER B 162 1.09 -24.64 3.63
N GLY B 163 1.44 -23.35 3.49
CA GLY B 163 2.42 -22.91 2.47
C GLY B 163 2.00 -22.98 1.02
N ASN B 164 0.68 -23.08 0.75
CA ASN B 164 0.13 -23.10 -0.63
C ASN B 164 -1.13 -22.21 -0.78
N SER B 165 -1.24 -21.17 0.05
CA SER B 165 -2.40 -20.29 0.11
C SER B 165 -1.97 -18.85 0.39
N GLN B 166 -2.17 -17.97 -0.61
CA GLN B 166 -1.96 -16.53 -0.48
C GLN B 166 -3.29 -15.83 -0.27
N GLU B 167 -3.30 -14.80 0.59
CA GLU B 167 -4.49 -13.97 0.85
C GLU B 167 -4.25 -12.50 0.55
N SER B 168 -5.36 -11.76 0.46
CA SER B 168 -5.36 -10.34 0.12
C SER B 168 -6.49 -9.64 0.88
N VAL B 169 -6.17 -8.50 1.50
CA VAL B 169 -7.10 -7.73 2.34
C VAL B 169 -7.28 -6.35 1.70
N THR B 170 -8.53 -5.92 1.53
CA THR B 170 -8.83 -4.56 1.06
C THR B 170 -8.52 -3.51 2.12
N GLU B 171 -8.43 -2.24 1.69
CA GLU B 171 -8.43 -1.10 2.61
C GLU B 171 -9.84 -0.88 3.19
N GLN B 172 -9.91 -0.06 4.24
CA GLN B 172 -11.17 0.19 4.95
C GLN B 172 -12.16 0.95 4.04
N ASP B 173 -13.41 0.48 4.00
CA ASP B 173 -14.44 1.03 3.10
C ASP B 173 -14.90 2.40 3.61
N SER B 174 -15.06 3.34 2.68
CA SER B 174 -15.44 4.73 3.02
C SER B 174 -16.87 4.87 3.60
N LYS B 175 -17.79 4.01 3.17
CA LYS B 175 -19.20 4.06 3.58
C LYS B 175 -19.43 3.39 4.94
N ASP B 176 -19.17 2.07 5.00
CA ASP B 176 -19.49 1.23 6.19
C ASP B 176 -18.31 0.89 7.13
N SER B 177 -17.09 1.34 6.81
CA SER B 177 -15.89 1.19 7.66
C SER B 177 -15.45 -0.27 7.95
N THR B 178 -15.81 -1.20 7.05
CA THR B 178 -15.46 -2.62 7.18
C THR B 178 -14.32 -3.00 6.24
N TYR B 179 -13.73 -4.16 6.53
CA TYR B 179 -12.72 -4.80 5.69
C TYR B 179 -13.31 -6.04 5.02
N SER B 180 -12.63 -6.49 3.96
CA SER B 180 -12.93 -7.76 3.28
C SER B 180 -11.62 -8.50 2.98
N LEU B 181 -11.70 -9.83 2.87
CA LEU B 181 -10.52 -10.71 2.68
C LEU B 181 -10.82 -11.82 1.67
N SER B 182 -9.86 -12.08 0.78
CA SER B 182 -9.94 -13.13 -0.26
C SER B 182 -8.70 -14.02 -0.21
N SER B 183 -8.84 -15.21 0.38
CA SER B 183 -7.79 -16.23 0.43
C SER B 183 -7.93 -17.19 -0.76
N THR B 184 -6.84 -17.43 -1.48
CA THR B 184 -6.81 -18.26 -2.70
C THR B 184 -5.87 -19.45 -2.48
N LEU B 185 -6.42 -20.67 -2.52
CA LEU B 185 -5.65 -21.92 -2.41
C LEU B 185 -5.31 -22.43 -3.83
N THR B 186 -4.03 -22.40 -4.18
CA THR B 186 -3.52 -22.83 -5.49
C THR B 186 -3.03 -24.28 -5.42
N LEU B 187 -3.67 -25.16 -6.19
CA LEU B 187 -3.26 -26.56 -6.39
C LEU B 187 -3.17 -26.87 -7.89
N SER B 188 -2.41 -27.90 -8.24
CA SER B 188 -2.39 -28.43 -9.61
C SER B 188 -3.67 -29.22 -9.90
N LYS B 189 -3.95 -29.43 -11.19
CA LYS B 189 -5.15 -30.18 -11.63
C LYS B 189 -5.12 -31.65 -11.16
N ALA B 190 -3.93 -32.27 -11.16
CA ALA B 190 -3.73 -33.62 -10.61
C ALA B 190 -4.04 -33.69 -9.12
N ASP B 191 -3.51 -32.74 -8.34
CA ASP B 191 -3.81 -32.62 -6.90
C ASP B 191 -5.27 -32.25 -6.59
N TYR B 192 -5.92 -31.49 -7.49
CA TYR B 192 -7.36 -31.18 -7.35
C TYR B 192 -8.25 -32.42 -7.53
N GLU B 193 -8.02 -33.16 -8.61
CA GLU B 193 -8.80 -34.38 -8.94
C GLU B 193 -8.62 -35.57 -7.98
N LYS B 194 -7.55 -35.60 -7.18
CA LYS B 194 -7.34 -36.63 -6.14
C LYS B 194 -8.34 -36.52 -4.98
N HIS B 195 -8.43 -35.32 -4.40
CA HIS B 195 -9.21 -35.05 -3.18
C HIS B 195 -10.65 -34.62 -3.48
N LYS B 196 -11.59 -35.00 -2.60
CA LYS B 196 -13.03 -34.73 -2.77
C LYS B 196 -13.48 -33.46 -2.04
N VAL B 197 -13.31 -33.45 -0.71
CA VAL B 197 -13.83 -32.37 0.16
C VAL B 197 -12.84 -31.19 0.21
N TYR B 198 -13.37 -29.97 0.20
CA TYR B 198 -12.61 -28.71 0.30
C TYR B 198 -13.35 -27.72 1.19
N ALA B 199 -12.63 -27.09 2.11
CA ALA B 199 -13.23 -26.17 3.10
C ALA B 199 -12.23 -25.12 3.60
N CYS B 200 -12.70 -23.87 3.77
CA CYS B 200 -11.98 -22.81 4.49
C CYS B 200 -12.69 -22.56 5.83
N GLU B 201 -11.92 -22.64 6.92
CA GLU B 201 -12.41 -22.43 8.29
C GLU B 201 -12.00 -21.02 8.74
N VAL B 202 -12.97 -20.13 8.81
CA VAL B 202 -12.76 -18.71 9.18
C VAL B 202 -12.94 -18.55 10.70
N THR B 203 -11.99 -17.87 11.34
CA THR B 203 -12.06 -17.50 12.77
C THR B 203 -12.05 -15.97 12.87
N HIS B 204 -12.94 -15.42 13.69
CA HIS B 204 -13.10 -13.97 13.87
C HIS B 204 -13.79 -13.62 15.20
N GLN B 205 -13.50 -12.42 15.72
CA GLN B 205 -14.02 -11.92 17.02
C GLN B 205 -15.55 -11.88 17.08
N GLY B 206 -16.15 -11.26 16.06
CA GLY B 206 -17.61 -11.25 15.86
C GLY B 206 -18.32 -12.59 15.78
N LEU B 207 -17.65 -13.60 15.23
CA LEU B 207 -18.16 -14.97 15.18
C LEU B 207 -18.08 -15.63 16.57
N SER B 208 -19.14 -16.35 16.95
CA SER B 208 -19.21 -17.05 18.25
C SER B 208 -18.31 -18.30 18.28
N SER B 209 -18.35 -19.08 17.19
CA SER B 209 -17.41 -20.18 16.93
C SER B 209 -16.86 -20.06 15.49
N PRO B 210 -15.75 -20.78 15.17
CA PRO B 210 -15.20 -20.69 13.79
C PRO B 210 -16.11 -21.35 12.73
N VAL B 211 -16.68 -20.50 11.85
CA VAL B 211 -17.54 -20.97 10.74
C VAL B 211 -16.70 -21.64 9.65
N THR B 212 -17.31 -22.64 8.99
CA THR B 212 -16.65 -23.45 7.95
C THR B 212 -17.60 -23.67 6.76
N LYS B 213 -17.37 -22.91 5.68
CA LYS B 213 -18.04 -23.13 4.37
C LYS B 213 -17.22 -24.13 3.56
N SER B 214 -17.91 -24.93 2.73
CA SER B 214 -17.29 -26.06 2.01
C SER B 214 -18.06 -26.50 0.76
N PHE B 215 -17.40 -27.35 -0.03
CA PHE B 215 -17.99 -28.02 -1.19
C PHE B 215 -17.39 -29.41 -1.42
N ASN B 216 -18.13 -30.25 -2.14
CA ASN B 216 -17.64 -31.54 -2.68
C ASN B 216 -17.32 -31.33 -4.17
N ARG B 217 -16.21 -31.95 -4.62
CA ARG B 217 -15.73 -31.80 -6.00
C ARG B 217 -16.67 -32.53 -6.97
N GLY B 218 -17.03 -31.85 -8.07
CA GLY B 218 -17.98 -32.37 -9.05
C GLY B 218 -19.42 -32.47 -8.56
N GLU B 219 -19.87 -31.45 -7.82
CA GLU B 219 -21.25 -31.37 -7.29
C GLU B 219 -21.73 -29.92 -7.28
N GLU C 6 27.38 19.66 20.82
CA GLU C 6 26.02 19.02 20.66
C GLU C 6 25.14 19.64 19.55
N GLU C 7 25.74 20.35 18.59
CA GLU C 7 24.97 21.08 17.55
C GLU C 7 24.38 20.12 16.51
N PRO C 8 23.21 20.46 15.92
CA PRO C 8 22.62 19.61 14.88
C PRO C 8 23.38 19.74 13.54
N GLY C 9 23.53 18.61 12.85
CA GLY C 9 24.18 18.55 11.53
C GLY C 9 23.54 19.38 10.43
N SER C 10 22.21 19.52 10.48
CA SER C 10 21.45 20.41 9.58
C SER C 10 21.89 21.89 9.61
N GLU C 11 22.24 22.39 10.80
CA GLU C 11 22.74 23.77 10.98
C GLU C 11 24.24 23.97 10.74
N THR C 12 25.06 22.92 10.90
CA THR C 12 26.54 23.01 10.88
C THR C 12 27.17 22.30 9.67
N SER C 13 27.22 20.96 9.70
CA SER C 13 27.93 20.17 8.67
C SER C 13 27.21 20.14 7.32
N ASP C 14 25.87 20.05 7.36
CA ASP C 14 25.02 20.09 6.15
C ASP C 14 24.64 21.50 5.67
N ALA C 15 24.93 22.54 6.47
CA ALA C 15 24.70 23.94 6.06
C ALA C 15 25.66 24.40 4.97
N LYS C 16 25.20 25.35 4.15
CA LYS C 16 25.92 25.87 2.98
C LYS C 16 25.83 27.39 2.91
N SER C 17 26.57 27.98 1.96
CA SER C 17 26.59 29.43 1.74
C SER C 17 25.25 29.95 1.17
N THR C 18 24.98 31.23 1.42
CA THR C 18 23.71 31.89 1.07
C THR C 18 23.96 33.29 0.50
#